data_4DE0
#
_entry.id   4DE0
#
_cell.length_a   45.192
_cell.length_b   106.565
_cell.length_c   47.669
_cell.angle_alpha   90.000
_cell.angle_beta   101.720
_cell.angle_gamma   90.000
#
_symmetry.space_group_name_H-M   'P 1 21 1'
#
loop_
_entity.id
_entity.type
_entity.pdbx_description
1 polymer Beta-lactamase
2 non-polymer N-[3-(1H-tetrazol-5-yl)phenyl]-1H-benzimidazole-7-carboxamide
3 non-polymer 'DIMETHYL SULFOXIDE'
4 water water
#
_entity_poly.entity_id   1
_entity_poly.type   'polypeptide(L)'
_entity_poly.pdbx_seq_one_letter_code
;(PCA)TSAVQQKLAALEKSSGGRLGVALIDTADNTQVLYRGDERFPMCSTSKVMAAAAVLKQSETQKQLLNQPVEIKPAD
LVNYNPIAEKHVNGTMTLAELSAAALQYSDNTAMNKLIAQLGGPGGVTAFARAIGDETFRLDRTEPTLNTAIPGDPRDTT
TPRAMAQTLRQLTLGHALGETQRAQLVTWLKGNTTGAASIRAGLPTSWTAGDKTGSGDYGTTNDIAVIWPQGRAPLVLVT
YFTQPQQNAESRRDVLASAARIIAEGL
;
_entity_poly.pdbx_strand_id   A,B
#
loop_
_chem_comp.id
_chem_comp.type
_chem_comp.name
_chem_comp.formula
0JB non-polymer N-[3-(1H-tetrazol-5-yl)phenyl]-1H-benzimidazole-7-carboxamide 'C15 H11 N7 O'
DMS non-polymer 'DIMETHYL SULFOXIDE' 'C2 H6 O S'
#
# COMPACT_ATOMS: atom_id res chain seq x y z
N PCA A 1 5.26 -3.35 2.44
CA PCA A 1 4.92 -2.95 1.07
CB PCA A 1 3.74 -3.79 0.56
CG PCA A 1 2.98 -4.20 1.81
CD PCA A 1 4.07 -4.09 2.86
OE PCA A 1 3.94 -4.57 4.00
C PCA A 1 4.65 -1.45 0.94
O PCA A 1 4.34 -0.78 1.95
N THR A 2 4.85 -0.90 -0.25
CA THR A 2 4.44 0.47 -0.55
C THR A 2 3.34 0.44 -1.61
N SER A 3 2.16 0.94 -1.25
CA SER A 3 1.02 0.97 -2.16
C SER A 3 1.08 2.16 -3.14
N ALA A 4 0.18 2.17 -4.11
CA ALA A 4 0.07 3.30 -5.04
C ALA A 4 -0.26 4.56 -4.26
N VAL A 5 -1.21 4.45 -3.32
CA VAL A 5 -1.59 5.60 -2.52
C VAL A 5 -0.40 6.11 -1.71
N GLN A 6 0.35 5.21 -1.08
CA GLN A 6 1.50 5.63 -0.30
C GLN A 6 2.54 6.33 -1.20
N GLN A 7 2.74 5.81 -2.43
CA GLN A 7 3.66 6.45 -3.37
C GLN A 7 3.22 7.88 -3.75
N LYS A 8 1.93 8.06 -3.98
CA LYS A 8 1.37 9.39 -4.26
C LYS A 8 1.55 10.31 -3.06
N LEU A 9 1.34 9.79 -1.84
CA LEU A 9 1.52 10.63 -0.66
C LEU A 9 2.99 11.01 -0.52
N ALA A 10 3.90 10.09 -0.84
CA ALA A 10 5.32 10.41 -0.76
C ALA A 10 5.70 11.51 -1.76
N ALA A 11 5.11 11.46 -2.96
CA ALA A 11 5.41 12.46 -3.98
C ALA A 11 4.86 13.83 -3.53
N LEU A 12 3.65 13.85 -2.97
CA LEU A 12 3.09 15.09 -2.43
C LEU A 12 4.03 15.64 -1.38
N GLU A 13 4.47 14.76 -0.45
CA GLU A 13 5.33 15.20 0.63
C GLU A 13 6.61 15.80 0.05
N LYS A 14 7.22 15.10 -0.89
CA LYS A 14 8.46 15.58 -1.47
C LYS A 14 8.31 16.98 -2.06
N SER A 15 7.24 17.25 -2.80
N SER A 15 7.24 17.19 -2.81
CA SER A 15 7.08 18.58 -3.42
CA SER A 15 7.00 18.48 -3.42
C SER A 15 6.61 19.64 -2.43
C SER A 15 6.88 19.58 -2.35
N SER A 16 6.25 19.24 -1.22
CA SER A 16 5.81 20.18 -0.20
C SER A 16 7.00 20.72 0.60
N GLY A 17 8.09 19.96 0.61
CA GLY A 17 9.25 20.25 1.45
C GLY A 17 9.15 19.91 2.92
N GLY A 18 7.97 19.47 3.39
CA GLY A 18 7.77 19.17 4.80
C GLY A 18 7.66 17.69 5.08
N ARG A 19 7.02 17.38 6.21
CA ARG A 19 6.83 16.01 6.66
C ARG A 19 5.34 15.79 6.86
N LEU A 20 4.80 14.81 6.18
CA LEU A 20 3.38 14.48 6.13
C LEU A 20 3.09 13.17 6.83
N GLY A 21 2.03 13.17 7.64
CA GLY A 21 1.57 11.95 8.31
C GLY A 21 0.11 11.77 8.01
N VAL A 22 -0.27 10.55 7.60
CA VAL A 22 -1.64 10.24 7.21
C VAL A 22 -2.07 8.94 7.82
N ALA A 23 -3.29 8.90 8.35
CA ALA A 23 -3.89 7.63 8.73
C ALA A 23 -5.35 7.65 8.36
N LEU A 24 -5.79 6.68 7.56
CA LEU A 24 -7.18 6.44 7.19
C LEU A 24 -7.62 5.15 7.84
N ILE A 25 -8.84 5.15 8.38
CA ILE A 25 -9.57 3.92 8.62
C ILE A 25 -10.85 3.96 7.79
N ASP A 26 -11.04 2.97 6.94
CA ASP A 26 -12.26 2.81 6.16
C ASP A 26 -13.16 1.85 6.89
N THR A 27 -14.25 2.36 7.47
CA THR A 27 -15.11 1.46 8.24
C THR A 27 -15.99 0.55 7.33
N ALA A 28 -15.90 0.68 6.01
CA ALA A 28 -16.51 -0.32 5.12
C ALA A 28 -15.95 -1.72 5.41
N ASP A 29 -14.66 -1.79 5.73
CA ASP A 29 -13.94 -3.07 5.86
C ASP A 29 -12.90 -3.07 6.99
N ASN A 30 -12.82 -1.94 7.70
CA ASN A 30 -11.87 -1.71 8.77
C ASN A 30 -10.42 -1.68 8.33
N THR A 31 -10.20 -1.52 7.04
CA THR A 31 -8.83 -1.44 6.55
C THR A 31 -8.26 -0.04 6.78
N GLN A 32 -6.93 0.03 6.71
CA GLN A 32 -6.21 1.21 7.06
C GLN A 32 -5.22 1.54 5.96
N VAL A 33 -4.99 2.83 5.78
CA VAL A 33 -3.88 3.29 4.96
C VAL A 33 -3.07 4.28 5.79
N LEU A 34 -1.81 4.07 5.88
CA LEU A 34 -0.92 4.87 6.69
C LEU A 34 0.22 5.41 5.87
N TYR A 35 0.65 6.62 6.21
CA TYR A 35 1.87 7.18 5.66
C TYR A 35 2.54 7.89 6.84
N ARG A 36 3.75 7.43 7.18
CA ARG A 36 4.39 7.86 8.44
C ARG A 36 3.42 7.68 9.62
N GLY A 37 2.70 6.56 9.64
CA GLY A 37 1.62 6.38 10.58
C GLY A 37 2.03 6.25 12.02
N ASP A 38 3.28 5.87 12.24
CA ASP A 38 3.83 5.68 13.58
C ASP A 38 4.89 6.70 13.94
N GLU A 39 5.02 7.75 13.14
CA GLU A 39 5.85 8.87 13.52
C GLU A 39 5.07 9.88 14.35
N ARG A 40 5.77 10.58 15.24
CA ARG A 40 5.12 11.58 16.08
C ARG A 40 5.02 12.94 15.38
N PHE A 41 3.91 13.62 15.62
CA PHE A 41 3.66 14.97 15.10
C PHE A 41 3.05 15.81 16.21
N PRO A 42 3.31 17.11 16.22
CA PRO A 42 2.61 17.99 17.17
C PRO A 42 1.13 18.07 16.81
N MET A 43 0.28 17.82 17.78
CA MET A 43 -1.16 17.82 17.56
C MET A 43 -1.73 19.21 17.32
N CYS A 44 -1.19 20.19 18.00
CA CYS A 44 -1.79 21.54 18.04
C CYS A 44 -3.25 21.38 18.39
N SER A 45 -4.13 22.19 17.78
CA SER A 45 -5.54 22.24 18.21
C SER A 45 -6.34 20.98 17.89
N THR A 46 -5.77 19.99 17.20
CA THR A 46 -6.49 18.73 17.09
C THR A 46 -6.62 18.06 18.45
N SER A 47 -5.78 18.44 19.40
CA SER A 47 -5.91 17.92 20.78
C SER A 47 -7.19 18.38 21.47
N LYS A 48 -7.86 19.44 20.95
CA LYS A 48 -9.11 19.92 21.56
C LYS A 48 -10.17 18.87 21.51
N VAL A 49 -10.12 17.95 20.53
CA VAL A 49 -11.07 16.84 20.51
C VAL A 49 -10.96 15.95 21.75
N MET A 50 -9.72 15.61 22.10
N MET A 50 -9.73 15.59 22.10
CA MET A 50 -9.52 14.76 23.27
CA MET A 50 -9.52 14.75 23.28
C MET A 50 -10.01 15.44 24.55
C MET A 50 -10.00 15.44 24.56
N ALA A 51 -9.70 16.73 24.69
CA ALA A 51 -10.12 17.46 25.87
C ALA A 51 -11.66 17.53 25.98
N ALA A 52 -12.31 17.90 24.88
CA ALA A 52 -13.77 17.96 24.90
C ALA A 52 -14.38 16.59 25.16
N ALA A 53 -13.80 15.56 24.55
CA ALA A 53 -14.32 14.20 24.79
C ALA A 53 -14.15 13.78 26.26
N ALA A 54 -13.04 14.17 26.87
CA ALA A 54 -12.80 13.79 28.27
C ALA A 54 -13.86 14.44 29.18
N VAL A 55 -14.24 15.69 28.87
CA VAL A 55 -15.32 16.36 29.63
C VAL A 55 -16.67 15.72 29.32
N LEU A 56 -16.91 15.33 28.06
CA LEU A 56 -18.11 14.56 27.78
C LEU A 56 -18.17 13.27 28.61
N LYS A 57 -17.05 12.57 28.73
CA LYS A 57 -17.02 11.37 29.57
C LYS A 57 -17.40 11.70 31.02
N GLN A 58 -16.82 12.77 31.58
CA GLN A 58 -17.16 13.14 32.94
C GLN A 58 -18.67 13.42 33.04
N SER A 59 -19.25 14.02 32.01
N SER A 59 -19.24 14.01 31.99
CA SER A 59 -20.67 14.36 32.05
CA SER A 59 -20.65 14.36 31.98
C SER A 59 -21.58 13.13 32.08
C SER A 59 -21.57 13.14 32.07
N GLU A 60 -21.07 11.96 31.73
CA GLU A 60 -21.90 10.75 31.77
C GLU A 60 -22.39 10.47 33.17
N THR A 61 -21.61 10.85 34.17
CA THR A 61 -21.99 10.61 35.56
C THR A 61 -22.44 11.90 36.28
N GLN A 62 -22.52 13.02 35.55
CA GLN A 62 -23.01 14.30 36.10
C GLN A 62 -23.87 15.00 35.06
N LYS A 63 -25.16 14.74 35.13
CA LYS A 63 -26.11 15.26 34.13
C LYS A 63 -26.09 16.79 33.98
N GLN A 64 -25.65 17.51 35.01
CA GLN A 64 -25.60 18.95 34.97
C GLN A 64 -24.22 19.53 34.67
N LEU A 65 -23.22 18.68 34.51
CA LEU A 65 -21.85 19.17 34.32
C LEU A 65 -21.76 20.16 33.16
N LEU A 66 -22.38 19.85 32.02
CA LEU A 66 -22.22 20.70 30.87
C LEU A 66 -22.90 22.05 31.02
N ASN A 67 -23.78 22.18 32.01
CA ASN A 67 -24.40 23.44 32.33
C ASN A 67 -23.68 24.22 33.43
N GLN A 68 -22.61 23.64 33.97
CA GLN A 68 -21.77 24.27 34.97
C GLN A 68 -21.05 25.51 34.46
N PRO A 69 -21.13 26.62 35.21
CA PRO A 69 -20.47 27.85 34.79
C PRO A 69 -19.01 27.82 35.15
N VAL A 70 -18.22 28.50 34.34
CA VAL A 70 -16.80 28.64 34.56
C VAL A 70 -16.58 30.13 34.37
N GLU A 71 -15.99 30.75 35.37
CA GLU A 71 -15.66 32.16 35.30
C GLU A 71 -14.57 32.40 34.25
N ILE A 72 -14.80 33.43 33.43
CA ILE A 72 -13.83 33.89 32.47
C ILE A 72 -13.34 35.24 32.96
N LYS A 73 -12.08 35.28 33.38
CA LYS A 73 -11.47 36.52 33.86
C LYS A 73 -10.58 37.15 32.78
N PRO A 74 -10.32 38.45 32.88
CA PRO A 74 -9.49 39.12 31.87
C PRO A 74 -8.12 38.41 31.77
N ALA A 75 -7.58 37.98 32.92
CA ALA A 75 -6.30 37.28 32.93
C ALA A 75 -6.33 35.92 32.22
N ASP A 76 -7.52 35.36 31.98
CA ASP A 76 -7.59 34.04 31.30
C ASP A 76 -7.41 34.12 29.79
N LEU A 77 -7.59 35.29 29.23
CA LEU A 77 -7.52 35.40 27.78
C LEU A 77 -6.08 35.14 27.39
N VAL A 78 -5.92 34.40 26.30
CA VAL A 78 -4.60 34.09 25.76
C VAL A 78 -4.52 34.72 24.37
N ASN A 79 -4.09 33.98 23.35
CA ASN A 79 -3.75 34.56 22.06
C ASN A 79 -4.85 34.47 21.00
N TYR A 80 -5.87 33.66 21.21
CA TYR A 80 -6.92 33.47 20.22
C TYR A 80 -8.18 33.05 20.93
N ASN A 81 -9.08 34.01 21.13
CA ASN A 81 -10.23 33.89 22.08
C ASN A 81 -11.46 34.47 21.51
N PRO A 82 -11.86 34.13 20.30
CA PRO A 82 -12.96 34.83 19.68
C PRO A 82 -14.28 34.69 20.42
N ILE A 83 -14.49 33.60 21.16
CA ILE A 83 -15.70 33.43 21.92
C ILE A 83 -15.47 33.89 23.35
N ALA A 84 -14.41 33.44 24.00
CA ALA A 84 -14.23 33.73 25.42
C ALA A 84 -14.13 35.24 25.68
N GLU A 85 -13.57 36.02 24.73
CA GLU A 85 -13.43 37.45 25.03
C GLU A 85 -14.78 38.14 25.19
N LYS A 86 -15.81 37.55 24.60
CA LYS A 86 -17.14 38.13 24.73
C LYS A 86 -17.72 37.97 26.12
N HIS A 87 -17.13 37.06 26.90
CA HIS A 87 -17.68 36.59 28.15
C HIS A 87 -16.78 36.92 29.35
N VAL A 88 -15.75 37.72 29.13
N VAL A 88 -15.75 37.73 29.11
CA VAL A 88 -14.84 38.06 30.20
CA VAL A 88 -14.86 38.16 30.19
C VAL A 88 -15.59 38.87 31.29
C VAL A 88 -15.68 38.81 31.30
N ASN A 89 -15.27 38.60 32.55
CA ASN A 89 -16.03 39.08 33.70
C ASN A 89 -17.42 38.49 33.81
N GLY A 90 -17.67 37.41 33.06
CA GLY A 90 -18.87 36.61 33.21
C GLY A 90 -18.50 35.14 33.24
N THR A 91 -19.41 34.33 32.73
CA THR A 91 -19.21 32.89 32.76
C THR A 91 -19.62 32.25 31.45
N MET A 92 -19.04 31.09 31.22
CA MET A 92 -19.46 30.19 30.13
C MET A 92 -19.67 28.83 30.74
N THR A 93 -20.63 28.09 30.21
CA THR A 93 -20.78 26.72 30.69
C THR A 93 -19.75 25.79 30.05
N LEU A 94 -19.57 24.60 30.60
CA LEU A 94 -18.68 23.64 29.97
C LEU A 94 -19.15 23.22 28.57
N ALA A 95 -20.46 23.17 28.30
CA ALA A 95 -20.90 22.97 26.91
C ALA A 95 -20.47 24.14 26.03
N GLU A 96 -20.66 25.37 26.49
CA GLU A 96 -20.23 26.52 25.68
C GLU A 96 -18.74 26.50 25.43
N LEU A 97 -17.99 26.12 26.45
CA LEU A 97 -16.54 26.05 26.28
C LEU A 97 -16.12 24.95 25.29
N SER A 98 -16.80 23.80 25.36
CA SER A 98 -16.53 22.72 24.44
C SER A 98 -16.86 23.14 23.01
N ALA A 99 -18.03 23.74 22.81
CA ALA A 99 -18.43 24.18 21.47
C ALA A 99 -17.45 25.24 20.95
N ALA A 100 -17.05 26.19 21.79
CA ALA A 100 -16.12 27.23 21.35
C ALA A 100 -14.75 26.62 20.98
N ALA A 101 -14.25 25.72 21.84
CA ALA A 101 -12.96 25.07 21.57
C ALA A 101 -13.02 24.31 20.24
N LEU A 102 -14.06 23.52 20.05
CA LEU A 102 -14.13 22.65 18.87
C LEU A 102 -14.46 23.42 17.61
N GLN A 103 -15.46 24.31 17.66
CA GLN A 103 -16.03 24.87 16.42
C GLN A 103 -15.34 26.16 16.02
N TYR A 104 -14.78 26.89 16.99
CA TYR A 104 -14.08 28.15 16.72
C TYR A 104 -12.59 28.03 17.03
N SER A 105 -12.17 26.93 17.67
CA SER A 105 -10.74 26.75 18.00
C SER A 105 -10.27 27.79 19.04
N ASP A 106 -11.18 28.16 19.95
CA ASP A 106 -10.86 29.15 21.00
C ASP A 106 -9.88 28.53 22.02
N ASN A 107 -8.76 29.21 22.20
CA ASN A 107 -7.71 28.69 23.11
C ASN A 107 -8.00 28.91 24.58
N THR A 108 -8.71 29.98 24.94
CA THR A 108 -9.11 30.15 26.31
C THR A 108 -10.09 29.05 26.67
N ALA A 109 -11.02 28.73 25.78
CA ALA A 109 -12.00 27.67 26.04
C ALA A 109 -11.26 26.35 26.25
N MET A 110 -10.30 26.03 25.39
CA MET A 110 -9.47 24.83 25.61
C MET A 110 -8.82 24.84 27.00
N ASN A 111 -8.24 25.96 27.43
CA ASN A 111 -7.61 25.99 28.75
C ASN A 111 -8.63 25.68 29.84
N LYS A 112 -9.87 26.13 29.73
CA LYS A 112 -10.86 25.78 30.77
C LYS A 112 -11.20 24.29 30.73
N LEU A 113 -11.22 23.67 29.54
CA LEU A 113 -11.39 22.21 29.49
C LEU A 113 -10.26 21.49 30.17
N ILE A 114 -9.04 21.91 29.87
CA ILE A 114 -7.87 21.29 30.48
C ILE A 114 -7.92 21.46 32.00
N ALA A 115 -8.30 22.64 32.49
CA ALA A 115 -8.34 22.85 33.94
C ALA A 115 -9.42 21.97 34.58
N GLN A 116 -10.55 21.83 33.91
CA GLN A 116 -11.62 20.94 34.40
C GLN A 116 -11.14 19.53 34.59
N LEU A 117 -10.16 19.11 33.80
CA LEU A 117 -9.61 17.75 33.84
C LEU A 117 -8.38 17.65 34.74
N GLY A 118 -8.01 18.76 35.40
CA GLY A 118 -6.88 18.75 36.34
C GLY A 118 -5.53 19.02 35.71
N GLY A 119 -5.50 19.57 34.50
CA GLY A 119 -4.29 19.89 33.79
C GLY A 119 -4.07 18.96 32.60
N PRO A 120 -2.98 19.21 31.86
CA PRO A 120 -2.75 18.47 30.60
C PRO A 120 -2.76 16.96 30.83
N GLY A 121 -2.18 16.51 31.96
CA GLY A 121 -2.12 15.08 32.27
C GLY A 121 -3.51 14.45 32.45
N GLY A 122 -4.52 15.23 32.82
CA GLY A 122 -5.88 14.72 32.85
C GLY A 122 -6.41 14.35 31.47
N VAL A 123 -5.98 15.09 30.46
CA VAL A 123 -6.35 14.77 29.10
C VAL A 123 -5.64 13.48 28.66
N THR A 124 -4.35 13.35 28.98
CA THR A 124 -3.61 12.12 28.70
C THR A 124 -4.24 10.94 29.42
N ALA A 125 -4.67 11.14 30.66
CA ALA A 125 -5.26 10.04 31.42
C ALA A 125 -6.54 9.53 30.70
N PHE A 126 -7.36 10.44 30.18
CA PHE A 126 -8.55 10.01 29.46
C PHE A 126 -8.18 9.25 28.19
N ALA A 127 -7.19 9.73 27.44
CA ALA A 127 -6.71 9.00 26.29
C ALA A 127 -6.33 7.53 26.66
N ARG A 128 -5.60 7.38 27.78
CA ARG A 128 -5.22 6.04 28.20
C ARG A 128 -6.46 5.21 28.55
N ALA A 129 -7.46 5.85 29.16
CA ALA A 129 -8.65 5.13 29.58
C ALA A 129 -9.44 4.59 28.38
N ILE A 130 -9.28 5.22 27.22
CA ILE A 130 -9.98 4.74 26.02
C ILE A 130 -9.04 4.03 25.07
N GLY A 131 -7.90 3.58 25.58
CA GLY A 131 -7.03 2.68 24.81
C GLY A 131 -5.97 3.33 23.96
N ASP A 132 -5.76 4.64 24.11
CA ASP A 132 -4.76 5.35 23.34
C ASP A 132 -3.54 5.49 24.21
N GLU A 133 -2.52 4.68 23.93
CA GLU A 133 -1.26 4.66 24.67
C GLU A 133 -0.22 5.62 24.12
N THR A 134 -0.61 6.39 23.11
CA THR A 134 0.33 7.20 22.32
C THR A 134 0.19 8.72 22.59
N PHE A 135 -1.05 9.19 22.56
CA PHE A 135 -1.37 10.60 22.80
C PHE A 135 -0.66 11.09 24.06
N ARG A 136 -0.15 12.32 24.05
CA ARG A 136 0.26 12.97 25.30
C ARG A 136 0.01 14.46 25.18
N LEU A 137 -0.61 15.02 26.20
CA LEU A 137 -0.74 16.46 26.34
C LEU A 137 0.08 16.84 27.58
N ASP A 138 0.98 17.80 27.37
CA ASP A 138 1.97 18.20 28.37
C ASP A 138 1.84 19.66 28.79
N ARG A 139 1.25 20.49 27.93
CA ARG A 139 1.17 21.91 28.19
C ARG A 139 -0.23 22.43 27.87
N THR A 140 -0.49 23.64 28.36
CA THR A 140 -1.71 24.37 28.07
C THR A 140 -1.55 25.22 26.80
N GLU A 141 -2.62 25.94 26.42
CA GLU A 141 -2.52 26.92 25.34
C GLU A 141 -1.91 28.21 25.89
N PRO A 142 -1.07 28.88 25.11
CA PRO A 142 -0.79 28.60 23.72
C PRO A 142 0.48 27.78 23.49
N THR A 143 1.24 27.47 24.55
CA THR A 143 2.56 26.88 24.31
C THR A 143 2.52 25.46 23.80
N LEU A 144 1.39 24.78 23.88
CA LEU A 144 1.31 23.41 23.31
C LEU A 144 1.46 23.40 21.78
N ASN A 145 1.46 24.57 21.13
CA ASN A 145 1.63 24.68 19.69
C ASN A 145 3.04 25.03 19.23
N THR A 146 4.05 24.95 20.11
CA THR A 146 5.38 25.30 19.68
C THR A 146 5.91 24.40 18.58
N ALA A 147 5.51 23.13 18.59
CA ALA A 147 5.67 22.24 17.44
C ALA A 147 7.14 22.04 17.03
N ILE A 148 8.04 22.04 17.98
CA ILE A 148 9.46 21.95 17.71
C ILE A 148 9.82 20.57 17.19
N PRO A 149 10.56 20.48 16.07
CA PRO A 149 10.93 19.13 15.59
C PRO A 149 11.66 18.34 16.66
N GLY A 150 11.29 17.09 16.79
CA GLY A 150 11.94 16.19 17.76
C GLY A 150 11.43 16.29 19.20
N ASP A 151 10.58 17.30 19.49
CA ASP A 151 10.06 17.50 20.82
C ASP A 151 8.86 16.55 21.00
N PRO A 152 8.90 15.65 21.98
CA PRO A 152 7.77 14.73 22.22
C PRO A 152 6.53 15.39 22.83
N ARG A 153 6.66 16.58 23.40
CA ARG A 153 5.54 17.15 24.11
C ARG A 153 4.37 17.40 23.15
N ASP A 154 3.15 17.10 23.61
CA ASP A 154 1.94 17.49 22.90
C ASP A 154 1.91 16.88 21.51
N THR A 155 2.29 15.60 21.42
CA THR A 155 2.32 14.87 20.17
C THR A 155 1.43 13.64 20.21
N THR A 156 1.15 13.11 19.02
CA THR A 156 0.64 11.76 18.87
C THR A 156 1.10 11.24 17.52
N THR A 157 0.68 10.03 17.17
CA THR A 157 0.95 9.51 15.80
C THR A 157 -0.36 9.50 15.01
N PRO A 158 -0.26 9.52 13.68
CA PRO A 158 -1.50 9.45 12.89
C PRO A 158 -2.31 8.18 13.20
N ARG A 159 -1.65 7.04 13.32
CA ARG A 159 -2.37 5.80 13.58
C ARG A 159 -3.16 5.92 14.87
N ALA A 160 -2.50 6.37 15.94
CA ALA A 160 -3.21 6.44 17.22
C ALA A 160 -4.39 7.40 17.16
N MET A 161 -4.21 8.55 16.54
N MET A 161 -4.21 8.55 16.54
CA MET A 161 -5.29 9.53 16.52
CA MET A 161 -5.30 9.51 16.54
C MET A 161 -6.46 9.08 15.69
C MET A 161 -6.48 9.07 15.69
N ALA A 162 -6.21 8.37 14.58
CA ALA A 162 -7.31 7.86 13.79
C ALA A 162 -8.09 6.84 14.59
N GLN A 163 -7.40 5.94 15.27
CA GLN A 163 -8.09 4.90 16.05
C GLN A 163 -8.94 5.58 17.15
N THR A 164 -8.36 6.54 17.85
CA THR A 164 -9.08 7.28 18.86
C THR A 164 -10.29 7.99 18.31
N LEU A 165 -10.12 8.72 17.20
CA LEU A 165 -11.23 9.42 16.65
C LEU A 165 -12.35 8.47 16.23
N ARG A 166 -12.01 7.30 15.68
CA ARG A 166 -13.02 6.30 15.40
C ARG A 166 -13.78 5.91 16.64
N GLN A 167 -13.05 5.56 17.71
CA GLN A 167 -13.71 5.08 18.91
C GLN A 167 -14.62 6.15 19.52
N LEU A 168 -14.19 7.41 19.46
CA LEU A 168 -14.97 8.50 20.03
C LEU A 168 -16.23 8.81 19.22
N THR A 169 -16.13 8.82 17.90
CA THR A 169 -17.21 9.32 17.04
C THR A 169 -18.10 8.23 16.51
N LEU A 170 -17.57 7.03 16.31
CA LEU A 170 -18.33 5.95 15.67
C LEU A 170 -18.45 4.77 16.59
N GLY A 171 -17.51 4.59 17.52
CA GLY A 171 -17.56 3.47 18.44
C GLY A 171 -18.15 3.87 19.78
N HIS A 172 -17.69 3.19 20.83
CA HIS A 172 -18.35 3.27 22.14
C HIS A 172 -17.43 3.77 23.25
N ALA A 173 -16.45 4.62 22.90
CA ALA A 173 -15.64 5.22 23.94
C ALA A 173 -16.45 6.18 24.81
N LEU A 174 -17.47 6.80 24.22
CA LEU A 174 -18.42 7.63 24.94
C LEU A 174 -19.80 6.97 24.94
N GLY A 175 -20.63 7.41 25.87
CA GLY A 175 -22.05 7.07 25.83
C GLY A 175 -22.71 7.57 24.56
N GLU A 176 -23.84 6.97 24.22
CA GLU A 176 -24.48 7.31 22.95
C GLU A 176 -24.83 8.81 22.81
N THR A 177 -25.38 9.36 23.89
N THR A 177 -25.40 9.43 23.84
CA THR A 177 -25.74 10.78 23.95
CA THR A 177 -25.74 10.86 23.69
C THR A 177 -24.52 11.68 23.70
C THR A 177 -24.47 11.74 23.63
N GLN A 178 -23.42 11.32 24.33
CA GLN A 178 -22.19 12.06 24.29
C GLN A 178 -21.51 11.94 22.92
N ARG A 179 -21.50 10.72 22.36
CA ARG A 179 -20.96 10.53 21.02
C ARG A 179 -21.72 11.40 20.00
N ALA A 180 -23.05 11.40 20.10
CA ALA A 180 -23.86 12.24 19.21
C ALA A 180 -23.53 13.71 19.37
N GLN A 181 -23.34 14.17 20.60
CA GLN A 181 -22.95 15.55 20.82
C GLN A 181 -21.60 15.87 20.22
N LEU A 182 -20.62 14.97 20.39
CA LEU A 182 -19.31 15.20 19.78
C LEU A 182 -19.42 15.29 18.26
N VAL A 183 -20.18 14.36 17.67
CA VAL A 183 -20.35 14.40 16.22
C VAL A 183 -21.03 15.70 15.75
N THR A 184 -22.08 16.12 16.45
CA THR A 184 -22.74 17.37 16.15
C THR A 184 -21.73 18.52 16.21
N TRP A 185 -20.92 18.57 17.26
CA TRP A 185 -19.96 19.63 17.35
C TRP A 185 -18.99 19.61 16.18
N LEU A 186 -18.42 18.45 15.87
CA LEU A 186 -17.45 18.39 14.78
C LEU A 186 -18.06 18.78 13.43
N LYS A 187 -19.29 18.32 13.17
CA LYS A 187 -19.98 18.66 11.93
C LYS A 187 -20.23 20.16 11.81
N GLY A 188 -20.35 20.84 12.93
CA GLY A 188 -20.54 22.28 12.93
C GLY A 188 -19.26 23.10 13.00
N ASN A 189 -18.11 22.46 12.81
CA ASN A 189 -16.87 23.20 12.80
C ASN A 189 -16.91 24.34 11.77
N THR A 190 -16.34 25.49 12.12
CA THR A 190 -16.25 26.61 11.18
C THR A 190 -14.92 26.71 10.43
N THR A 191 -13.90 25.97 10.86
CA THR A 191 -12.54 26.25 10.40
C THR A 191 -11.98 25.28 9.35
N GLY A 192 -12.81 24.36 8.86
CA GLY A 192 -12.28 23.18 8.16
C GLY A 192 -12.34 23.17 6.64
N ALA A 193 -12.95 24.16 5.99
CA ALA A 193 -13.27 24.00 4.57
C ALA A 193 -12.04 23.96 3.67
N ALA A 194 -10.89 24.48 4.13
CA ALA A 194 -9.68 24.53 3.31
C ALA A 194 -8.77 23.31 3.50
N SER A 195 -9.14 22.44 4.44
CA SER A 195 -8.23 21.37 4.88
C SER A 195 -8.66 20.03 4.29
N ILE A 196 -8.86 18.98 5.08
CA ILE A 196 -9.31 17.73 4.48
C ILE A 196 -10.49 17.90 3.55
N ARG A 197 -11.46 18.68 3.98
N ARG A 197 -11.48 18.68 4.00
CA ARG A 197 -12.71 18.76 3.26
CA ARG A 197 -12.72 18.86 3.26
C ARG A 197 -12.52 19.29 1.85
C ARG A 197 -12.46 19.23 1.82
N ALA A 198 -11.50 20.11 1.61
CA ALA A 198 -11.27 20.66 0.29
C ALA A 198 -10.80 19.60 -0.71
N GLY A 199 -10.33 18.46 -0.21
CA GLY A 199 -9.91 17.39 -1.07
C GLY A 199 -10.97 16.33 -1.36
N LEU A 200 -12.15 16.47 -0.77
CA LEU A 200 -13.18 15.44 -0.89
C LEU A 200 -14.20 15.85 -1.96
N PRO A 201 -14.87 14.87 -2.58
CA PRO A 201 -16.00 15.22 -3.46
C PRO A 201 -17.05 16.01 -2.69
N THR A 202 -17.66 16.99 -3.35
CA THR A 202 -18.52 17.92 -2.64
C THR A 202 -19.80 17.26 -2.13
N SER A 203 -20.18 16.12 -2.71
CA SER A 203 -21.37 15.43 -2.24
C SER A 203 -21.16 14.81 -0.86
N TRP A 204 -19.92 14.62 -0.43
CA TRP A 204 -19.68 13.95 0.85
C TRP A 204 -19.96 14.92 1.99
N THR A 205 -20.15 14.39 3.20
CA THR A 205 -20.20 15.26 4.38
C THR A 205 -19.12 14.80 5.38
N ALA A 206 -18.83 15.67 6.35
CA ALA A 206 -17.78 15.42 7.29
C ALA A 206 -17.89 16.31 8.51
N GLY A 207 -17.22 15.88 9.59
CA GLY A 207 -16.92 16.76 10.71
C GLY A 207 -15.44 16.72 10.95
N ASP A 208 -14.84 17.82 11.39
CA ASP A 208 -13.38 17.83 11.54
C ASP A 208 -12.94 18.78 12.61
N LYS A 209 -11.67 18.67 13.01
CA LYS A 209 -11.04 19.64 13.88
C LYS A 209 -9.65 19.93 13.33
N THR A 210 -9.37 21.19 13.04
CA THR A 210 -8.10 21.64 12.50
C THR A 210 -7.11 21.90 13.64
N GLY A 211 -5.85 22.11 13.26
CA GLY A 211 -4.87 22.67 14.17
C GLY A 211 -3.73 23.27 13.39
N SER A 212 -3.05 24.22 13.99
CA SER A 212 -1.85 24.81 13.40
C SER A 212 -0.94 25.33 14.50
N GLY A 213 0.33 25.53 14.16
CA GLY A 213 1.32 25.97 15.13
C GLY A 213 2.57 26.44 14.43
N ASP A 214 3.64 26.59 15.24
CA ASP A 214 4.88 26.98 14.63
C ASP A 214 5.39 25.84 13.73
N TYR A 215 6.50 26.09 13.03
CA TYR A 215 7.04 25.15 12.06
C TYR A 215 6.02 24.89 10.97
N GLY A 216 5.17 25.88 10.71
CA GLY A 216 4.18 25.75 9.64
C GLY A 216 3.31 24.52 9.83
N THR A 217 3.10 24.12 11.08
CA THR A 217 2.38 22.89 11.36
C THR A 217 0.94 23.11 11.03
N THR A 218 0.39 22.17 10.24
N THR A 218 0.38 22.16 10.28
CA THR A 218 -0.95 22.34 9.68
CA THR A 218 -0.94 22.34 9.69
C THR A 218 -1.60 20.97 9.72
C THR A 218 -1.60 20.96 9.73
N ASN A 219 -2.67 20.84 10.50
CA ASN A 219 -3.24 19.54 10.86
C ASN A 219 -4.75 19.53 10.64
N ASP A 220 -5.32 18.35 10.49
CA ASP A 220 -6.79 18.21 10.47
C ASP A 220 -7.07 16.75 10.78
N ILE A 221 -8.13 16.54 11.54
CA ILE A 221 -8.63 15.19 11.81
C ILE A 221 -10.14 15.19 11.53
N ALA A 222 -10.63 14.19 10.83
CA ALA A 222 -12.02 14.20 10.33
C ALA A 222 -12.68 12.85 10.42
N VAL A 223 -14.00 12.90 10.59
N VAL A 223 -13.99 12.88 10.61
CA VAL A 223 -14.87 11.77 10.38
CA VAL A 223 -14.85 11.77 10.31
C VAL A 223 -15.74 12.13 9.16
C VAL A 223 -15.64 12.18 9.10
N ILE A 224 -15.78 11.23 8.17
CA ILE A 224 -16.28 11.53 6.82
C ILE A 224 -17.34 10.53 6.45
N TRP A 225 -18.45 11.00 5.90
CA TRP A 225 -19.50 10.16 5.35
C TRP A 225 -19.51 10.33 3.83
N PRO A 226 -18.81 9.43 3.11
CA PRO A 226 -18.81 9.53 1.66
C PRO A 226 -20.21 9.20 1.12
N GLN A 227 -20.54 9.75 -0.02
CA GLN A 227 -21.78 9.39 -0.65
C GLN A 227 -21.82 7.88 -0.92
N GLY A 228 -22.83 7.22 -0.38
CA GLY A 228 -23.04 5.79 -0.66
C GLY A 228 -22.07 4.83 0.00
N ARG A 229 -21.26 5.30 0.96
CA ARG A 229 -20.22 4.47 1.58
C ARG A 229 -20.33 4.57 3.12
N ALA A 230 -19.84 3.54 3.83
CA ALA A 230 -19.64 3.62 5.27
C ALA A 230 -18.63 4.71 5.61
N PRO A 231 -18.65 5.20 6.86
CA PRO A 231 -17.79 6.36 7.14
C PRO A 231 -16.30 6.00 7.16
N LEU A 232 -15.51 7.07 6.97
CA LEU A 232 -14.05 7.05 7.08
C LEU A 232 -13.64 7.87 8.28
N VAL A 233 -12.48 7.54 8.83
CA VAL A 233 -11.82 8.42 9.73
C VAL A 233 -10.48 8.75 9.09
N LEU A 234 -10.11 10.03 9.04
CA LEU A 234 -8.88 10.46 8.37
C LEU A 234 -8.12 11.46 9.20
N VAL A 235 -6.84 11.23 9.43
CA VAL A 235 -5.94 12.18 10.08
C VAL A 235 -4.91 12.60 9.05
N THR A 236 -4.67 13.90 8.96
CA THR A 236 -3.60 14.44 8.13
C THR A 236 -2.82 15.45 8.95
N TYR A 237 -1.54 15.16 9.19
CA TYR A 237 -0.68 16.00 9.97
C TYR A 237 0.49 16.46 9.09
N PHE A 238 0.93 17.70 9.22
CA PHE A 238 1.98 18.22 8.34
C PHE A 238 2.81 19.23 9.15
N THR A 239 4.14 19.12 9.04
CA THR A 239 4.99 20.05 9.72
C THR A 239 6.25 20.28 8.88
N GLN A 240 6.90 21.42 9.09
CA GLN A 240 7.90 21.93 8.17
C GLN A 240 9.18 22.29 8.93
N PRO A 241 10.32 22.44 8.24
CA PRO A 241 11.59 22.54 8.96
C PRO A 241 11.88 23.87 9.62
N GLN A 242 11.26 24.95 9.15
CA GLN A 242 11.59 26.29 9.66
C GLN A 242 10.50 26.78 10.61
N GLN A 243 10.92 27.42 11.70
CA GLN A 243 9.98 27.80 12.73
C GLN A 243 8.90 28.73 12.16
N ASN A 244 9.28 29.62 11.25
N ASN A 244 9.27 29.62 11.23
CA ASN A 244 8.34 30.62 10.71
CA ASN A 244 8.34 30.63 10.72
C ASN A 244 7.69 30.20 9.49
C ASN A 244 7.63 30.21 9.44
N ALA A 245 7.64 28.92 9.13
CA ALA A 245 6.98 28.47 7.89
C ALA A 245 5.50 28.81 7.85
N GLU A 246 5.02 29.06 6.65
N GLU A 246 4.99 28.98 6.64
CA GLU A 246 3.59 29.32 6.43
CA GLU A 246 3.59 29.36 6.44
C GLU A 246 2.75 28.01 6.53
C GLU A 246 2.66 28.16 6.50
N SER A 247 1.54 28.12 7.08
N SER A 247 1.38 28.45 6.72
CA SER A 247 0.55 27.05 7.01
CA SER A 247 0.33 27.43 6.70
C SER A 247 0.34 26.62 5.56
C SER A 247 0.25 26.66 5.38
N ARG A 248 0.03 25.34 5.41
CA ARG A 248 -0.18 24.65 4.12
C ARG A 248 -1.42 23.76 4.18
N ARG A 249 -2.59 24.38 4.30
CA ARG A 249 -3.82 23.61 4.33
C ARG A 249 -4.04 22.90 2.99
N ASP A 250 -3.52 23.47 1.92
CA ASP A 250 -3.61 22.82 0.59
C ASP A 250 -2.95 21.44 0.58
N VAL A 251 -1.89 21.24 1.37
CA VAL A 251 -1.27 19.93 1.41
C VAL A 251 -2.20 18.90 2.04
N LEU A 252 -2.92 19.31 3.08
CA LEU A 252 -3.92 18.42 3.71
C LEU A 252 -5.04 18.06 2.74
N ALA A 253 -5.52 19.07 2.01
CA ALA A 253 -6.51 18.84 0.96
C ALA A 253 -5.99 17.86 -0.09
N SER A 254 -4.73 18.02 -0.51
CA SER A 254 -4.16 17.12 -1.50
C SER A 254 -4.03 15.68 -0.97
N ALA A 255 -3.66 15.54 0.30
CA ALA A 255 -3.59 14.22 0.88
C ALA A 255 -4.97 13.58 0.93
N ALA A 256 -5.98 14.36 1.31
CA ALA A 256 -7.33 13.82 1.36
C ALA A 256 -7.81 13.41 -0.02
N ARG A 257 -7.48 14.20 -1.02
CA ARG A 257 -7.86 13.87 -2.40
C ARG A 257 -7.25 12.54 -2.84
N ILE A 258 -5.96 12.35 -2.56
CA ILE A 258 -5.32 11.09 -2.88
C ILE A 258 -5.99 9.91 -2.17
N ILE A 259 -6.33 10.10 -0.90
CA ILE A 259 -7.02 9.06 -0.15
C ILE A 259 -8.39 8.75 -0.78
N ALA A 260 -9.15 9.79 -1.09
CA ALA A 260 -10.48 9.60 -1.64
C ALA A 260 -10.42 8.87 -2.98
N GLU A 261 -9.43 9.22 -3.79
CA GLU A 261 -9.27 8.63 -5.12
C GLU A 261 -8.82 7.18 -5.04
N GLY A 262 -8.27 6.78 -3.89
CA GLY A 262 -7.76 5.43 -3.72
C GLY A 262 -8.79 4.44 -3.19
N LEU A 263 -9.97 4.94 -2.83
CA LEU A 263 -11.08 4.04 -2.50
C LEU A 263 -11.72 3.50 -3.78
N SER B 3 -12.34 -32.54 -9.35
CA SER B 3 -12.75 -33.31 -8.13
C SER B 3 -11.69 -34.31 -7.67
N ALA B 4 -11.32 -35.27 -8.54
CA ALA B 4 -10.13 -36.09 -8.33
C ALA B 4 -8.90 -35.18 -8.25
N VAL B 5 -8.63 -34.47 -9.34
CA VAL B 5 -7.48 -33.62 -9.41
C VAL B 5 -7.51 -32.52 -8.36
N GLN B 6 -8.71 -31.94 -8.16
CA GLN B 6 -8.89 -30.97 -7.10
C GLN B 6 -8.55 -31.48 -5.72
N GLN B 7 -8.97 -32.69 -5.40
CA GLN B 7 -8.68 -33.25 -4.10
C GLN B 7 -7.16 -33.37 -3.95
N LYS B 8 -6.49 -33.80 -5.02
CA LYS B 8 -5.06 -34.06 -4.93
C LYS B 8 -4.26 -32.77 -4.78
N LEU B 9 -4.64 -31.75 -5.53
CA LEU B 9 -3.98 -30.48 -5.39
C LEU B 9 -4.19 -29.83 -4.03
N ALA B 10 -5.42 -29.85 -3.53
CA ALA B 10 -5.68 -29.30 -2.22
C ALA B 10 -4.85 -30.01 -1.15
N ALA B 11 -4.76 -31.33 -1.27
CA ALA B 11 -4.01 -32.11 -0.28
C ALA B 11 -2.53 -31.79 -0.34
N LEU B 12 -1.99 -31.64 -1.55
CA LEU B 12 -0.59 -31.27 -1.67
C LEU B 12 -0.38 -29.89 -1.03
N GLU B 13 -1.29 -28.97 -1.32
CA GLU B 13 -1.18 -27.66 -0.69
C GLU B 13 -1.18 -27.75 0.84
N LYS B 14 -2.15 -28.46 1.42
CA LYS B 14 -2.21 -28.57 2.87
C LYS B 14 -0.90 -29.14 3.45
N SER B 15 -0.37 -30.14 2.79
N SER B 15 -0.34 -30.17 2.82
CA SER B 15 0.86 -30.77 3.21
CA SER B 15 0.90 -30.75 3.32
C SER B 15 2.03 -29.79 3.20
C SER B 15 2.05 -29.76 3.23
N SER B 16 2.04 -28.94 2.16
CA SER B 16 3.12 -28.00 1.92
C SER B 16 3.17 -26.88 2.93
N GLY B 17 2.03 -26.58 3.55
CA GLY B 17 1.94 -25.42 4.46
C GLY B 17 1.80 -24.05 3.80
N GLY B 18 1.83 -23.99 2.47
CA GLY B 18 1.79 -22.70 1.80
C GLY B 18 0.56 -22.53 0.93
N ARG B 19 0.71 -21.71 -0.09
CA ARG B 19 -0.39 -21.31 -0.97
C ARG B 19 0.05 -21.61 -2.41
N LEU B 20 -0.68 -22.52 -3.04
CA LEU B 20 -0.34 -23.11 -4.34
C LEU B 20 -1.31 -22.57 -5.38
N GLY B 21 -0.78 -22.16 -6.54
CA GLY B 21 -1.59 -21.73 -7.68
C GLY B 21 -1.22 -22.55 -8.91
N VAL B 22 -2.21 -23.13 -9.56
CA VAL B 22 -1.99 -23.96 -10.71
C VAL B 22 -2.93 -23.55 -11.82
N ALA B 23 -2.40 -23.44 -13.04
CA ALA B 23 -3.27 -23.37 -14.22
C ALA B 23 -2.65 -24.19 -15.33
N LEU B 24 -3.43 -25.15 -15.80
CA LEU B 24 -3.12 -25.99 -16.94
C LEU B 24 -4.05 -25.59 -18.11
N ILE B 25 -3.49 -25.49 -19.32
CA ILE B 25 -4.29 -25.53 -20.53
C ILE B 25 -3.80 -26.78 -21.30
N ASP B 26 -4.73 -27.68 -21.61
CA ASP B 26 -4.42 -28.82 -22.43
C ASP B 26 -4.88 -28.47 -23.85
N THR B 27 -3.93 -28.23 -24.77
CA THR B 27 -4.29 -27.80 -26.11
C THR B 27 -4.84 -28.94 -26.96
N ALA B 28 -4.83 -30.18 -26.47
CA ALA B 28 -5.51 -31.30 -27.19
C ALA B 28 -6.99 -30.94 -27.36
N ASP B 29 -7.54 -30.26 -26.38
CA ASP B 29 -8.98 -30.10 -26.32
C ASP B 29 -9.44 -28.84 -25.60
N ASN B 30 -8.48 -27.99 -25.28
CA ASN B 30 -8.72 -26.69 -24.61
C ASN B 30 -9.27 -26.81 -23.21
N THR B 31 -9.20 -28.00 -22.63
CA THR B 31 -9.56 -28.11 -21.25
C THR B 31 -8.52 -27.49 -20.30
N GLN B 32 -8.98 -27.24 -19.06
CA GLN B 32 -8.19 -26.55 -18.05
C GLN B 32 -8.27 -27.25 -16.71
N VAL B 33 -7.21 -27.10 -15.93
CA VAL B 33 -7.25 -27.41 -14.51
C VAL B 33 -6.76 -26.17 -13.81
N LEU B 34 -7.54 -25.69 -12.86
CA LEU B 34 -7.26 -24.47 -12.13
C LEU B 34 -7.32 -24.73 -10.65
N TYR B 35 -6.35 -24.20 -9.93
CA TYR B 35 -6.35 -24.26 -8.49
C TYR B 35 -5.82 -22.92 -7.97
N ARG B 36 -6.67 -22.13 -7.31
CA ARG B 36 -6.35 -20.74 -7.01
C ARG B 36 -5.96 -20.01 -8.31
N GLY B 37 -6.65 -20.35 -9.41
CA GLY B 37 -6.26 -19.83 -10.72
C GLY B 37 -6.42 -18.34 -10.87
N ASP B 38 -7.29 -17.75 -10.07
CA ASP B 38 -7.56 -16.31 -10.14
C ASP B 38 -6.94 -15.51 -9.03
N GLU B 39 -6.18 -16.15 -8.15
CA GLU B 39 -5.46 -15.40 -7.14
C GLU B 39 -4.16 -14.82 -7.69
N ARG B 40 -3.74 -13.68 -7.16
CA ARG B 40 -2.45 -13.13 -7.54
C ARG B 40 -1.34 -13.82 -6.76
N PHE B 41 -0.23 -13.98 -7.44
CA PHE B 41 1.02 -14.52 -6.85
C PHE B 41 2.17 -13.67 -7.37
N PRO B 42 3.20 -13.48 -6.55
CA PRO B 42 4.43 -12.82 -7.01
C PRO B 42 5.06 -13.65 -8.12
N MET B 43 5.30 -13.04 -9.28
CA MET B 43 5.88 -13.76 -10.43
C MET B 43 7.35 -14.13 -10.23
N CYS B 44 8.09 -13.28 -9.54
CA CYS B 44 9.54 -13.38 -9.49
C CYS B 44 10.06 -13.56 -10.91
N SER B 45 11.07 -14.40 -11.09
CA SER B 45 11.75 -14.46 -12.38
C SER B 45 10.92 -15.03 -13.50
N THR B 46 9.74 -15.59 -13.21
CA THR B 46 8.87 -15.96 -14.34
C THR B 46 8.49 -14.75 -15.20
N SER B 47 8.56 -13.54 -14.63
CA SER B 47 8.30 -12.31 -15.39
C SER B 47 9.35 -12.06 -16.48
N LYS B 48 10.52 -12.74 -16.42
CA LYS B 48 11.53 -12.58 -17.48
C LYS B 48 11.00 -13.04 -18.83
N VAL B 49 10.05 -13.96 -18.86
CA VAL B 49 9.43 -14.35 -20.11
C VAL B 49 8.73 -13.16 -20.78
N MET B 50 7.97 -12.38 -20.03
N MET B 50 7.94 -12.40 -20.02
CA MET B 50 7.26 -11.27 -20.65
CA MET B 50 7.22 -11.25 -20.57
C MET B 50 8.24 -10.21 -21.14
C MET B 50 8.21 -10.22 -21.11
N ALA B 51 9.30 -9.96 -20.36
CA ALA B 51 10.26 -8.96 -20.77
C ALA B 51 11.00 -9.37 -22.06
N ALA B 52 11.41 -10.64 -22.14
CA ALA B 52 12.10 -11.10 -23.35
C ALA B 52 11.12 -11.12 -24.53
N ALA B 53 9.89 -11.55 -24.28
CA ALA B 53 8.90 -11.52 -25.36
C ALA B 53 8.62 -10.10 -25.88
N ALA B 54 8.62 -9.14 -24.96
CA ALA B 54 8.36 -7.76 -25.37
C ALA B 54 9.47 -7.26 -26.27
N VAL B 55 10.72 -7.60 -25.96
CA VAL B 55 11.84 -7.21 -26.83
C VAL B 55 11.78 -7.95 -28.17
N LEU B 56 11.36 -9.22 -28.15
CA LEU B 56 11.14 -9.93 -29.40
C LEU B 56 10.11 -9.22 -30.27
N LYS B 57 9.01 -8.80 -29.66
CA LYS B 57 7.98 -8.08 -30.43
C LYS B 57 8.60 -6.78 -30.99
N GLN B 58 9.40 -6.04 -30.21
CA GLN B 58 10.02 -4.84 -30.75
C GLN B 58 10.86 -5.16 -31.96
N SER B 59 11.55 -6.29 -31.93
CA SER B 59 12.46 -6.68 -33.01
C SER B 59 11.72 -7.05 -34.30
N GLU B 60 10.41 -7.23 -34.21
CA GLU B 60 9.64 -7.46 -35.46
C GLU B 60 9.64 -6.24 -36.39
N THR B 61 9.84 -5.04 -35.82
CA THR B 61 9.86 -3.81 -36.60
C THR B 61 11.17 -3.05 -36.53
N GLN B 62 11.92 -3.19 -35.45
CA GLN B 62 13.33 -2.73 -35.36
C GLN B 62 14.22 -3.94 -35.67
N LYS B 63 14.48 -4.13 -36.97
CA LYS B 63 14.87 -5.47 -37.44
C LYS B 63 16.23 -5.93 -36.98
N GLN B 64 17.11 -5.00 -36.59
CA GLN B 64 18.44 -5.38 -36.09
C GLN B 64 18.54 -5.21 -34.58
N LEU B 65 17.41 -4.99 -33.89
CA LEU B 65 17.45 -4.67 -32.46
C LEU B 65 18.18 -5.75 -31.66
N LEU B 66 17.96 -7.03 -32.00
CA LEU B 66 18.52 -8.07 -31.15
C LEU B 66 20.05 -8.11 -31.19
N ASN B 67 20.57 -7.53 -32.21
N ASN B 67 20.64 -7.51 -32.22
CA ASN B 67 22.05 -7.49 -32.33
CA ASN B 67 22.10 -7.43 -32.35
C ASN B 67 22.66 -6.20 -31.75
C ASN B 67 22.71 -6.16 -31.77
N GLN B 68 21.88 -5.30 -31.18
CA GLN B 68 22.35 -4.04 -30.64
C GLN B 68 23.16 -4.25 -29.37
N PRO B 69 24.39 -3.68 -29.31
CA PRO B 69 25.19 -3.82 -28.09
C PRO B 69 24.66 -2.92 -27.00
N VAL B 70 24.74 -3.43 -25.79
CA VAL B 70 24.27 -2.71 -24.61
C VAL B 70 25.44 -2.73 -23.61
N GLU B 71 25.85 -1.59 -23.11
CA GLU B 71 26.94 -1.50 -22.14
C GLU B 71 26.55 -2.17 -20.81
N ILE B 72 27.50 -2.94 -20.27
CA ILE B 72 27.36 -3.52 -18.93
C ILE B 72 28.43 -2.83 -18.09
N LYS B 73 28.00 -2.04 -17.12
CA LYS B 73 28.92 -1.30 -16.23
C LYS B 73 29.02 -2.00 -14.88
N PRO B 74 30.12 -1.83 -14.17
CA PRO B 74 30.21 -2.45 -12.83
C PRO B 74 29.01 -2.09 -11.94
N ALA B 75 28.55 -0.86 -12.02
CA ALA B 75 27.46 -0.40 -11.16
C ALA B 75 26.11 -1.04 -11.52
N ASP B 76 26.03 -1.63 -12.71
CA ASP B 76 24.80 -2.31 -13.14
C ASP B 76 24.61 -3.69 -12.52
N LEU B 77 25.68 -4.29 -12.03
CA LEU B 77 25.55 -5.62 -11.46
C LEU B 77 24.66 -5.57 -10.22
N VAL B 78 23.74 -6.51 -10.13
CA VAL B 78 22.87 -6.63 -8.98
C VAL B 78 23.26 -7.94 -8.24
N ASN B 79 22.28 -8.73 -7.83
CA ASN B 79 22.54 -9.81 -6.89
C ASN B 79 22.71 -11.19 -7.49
N TYR B 80 22.54 -11.40 -8.81
CA TYR B 80 22.68 -12.69 -9.41
C TYR B 80 22.94 -12.46 -10.87
N ASN B 81 24.23 -12.52 -11.27
CA ASN B 81 24.71 -12.03 -12.57
C ASN B 81 25.66 -13.04 -13.22
N PRO B 82 25.24 -14.30 -13.32
CA PRO B 82 26.18 -15.32 -13.76
C PRO B 82 26.74 -15.08 -15.15
N ILE B 83 25.98 -14.44 -16.03
CA ILE B 83 26.44 -14.13 -17.36
C ILE B 83 26.99 -12.71 -17.46
N ALA B 84 26.22 -11.75 -16.96
CA ALA B 84 26.60 -10.36 -17.12
C ALA B 84 27.97 -10.06 -16.44
N GLU B 85 28.32 -10.76 -15.36
CA GLU B 85 29.59 -10.46 -14.68
C GLU B 85 30.77 -10.70 -15.63
N LYS B 86 30.60 -11.59 -16.60
CA LYS B 86 31.69 -11.87 -17.54
C LYS B 86 31.95 -10.69 -18.48
N HIS B 87 30.96 -9.81 -18.60
CA HIS B 87 30.94 -8.83 -19.65
C HIS B 87 30.98 -7.41 -19.14
N VAL B 88 31.23 -7.27 -17.84
N VAL B 88 31.24 -7.26 -17.85
CA VAL B 88 31.39 -5.97 -17.22
CA VAL B 88 31.32 -5.93 -17.27
C VAL B 88 32.50 -5.17 -17.91
C VAL B 88 32.47 -5.17 -17.93
N ASN B 89 32.27 -3.87 -18.08
CA ASN B 89 33.17 -3.00 -18.83
C ASN B 89 33.28 -3.40 -20.28
N GLY B 90 32.25 -4.11 -20.76
CA GLY B 90 32.05 -4.35 -22.18
C GLY B 90 30.57 -4.31 -22.51
N THR B 91 30.17 -5.07 -23.52
CA THR B 91 28.81 -5.03 -23.99
C THR B 91 28.26 -6.44 -24.14
N MET B 92 26.92 -6.54 -24.14
CA MET B 92 26.19 -7.72 -24.57
C MET B 92 25.09 -7.27 -25.52
N THR B 93 24.70 -8.12 -26.46
CA THR B 93 23.61 -7.72 -27.33
C THR B 93 22.27 -8.01 -26.64
N LEU B 94 21.19 -7.44 -27.17
CA LEU B 94 19.88 -7.75 -26.61
C LEU B 94 19.48 -9.20 -26.76
N ALA B 95 19.90 -9.88 -27.82
CA ALA B 95 19.69 -11.35 -27.87
C ALA B 95 20.43 -12.03 -26.75
N GLU B 96 21.69 -11.66 -26.55
CA GLU B 96 22.50 -12.28 -25.50
C GLU B 96 21.91 -12.01 -24.12
N LEU B 97 21.37 -10.80 -23.92
CA LEU B 97 20.72 -10.49 -22.66
C LEU B 97 19.46 -11.30 -22.45
N SER B 98 18.70 -11.47 -23.54
CA SER B 98 17.46 -12.24 -23.47
C SER B 98 17.77 -13.69 -23.13
N ALA B 99 18.78 -14.27 -23.81
CA ALA B 99 19.18 -15.65 -23.51
C ALA B 99 19.66 -15.78 -22.06
N ALA B 100 20.46 -14.81 -21.60
CA ALA B 100 20.97 -14.89 -20.23
C ALA B 100 19.85 -14.79 -19.21
N ALA B 101 18.90 -13.87 -19.44
CA ALA B 101 17.75 -13.71 -18.54
C ALA B 101 16.93 -15.00 -18.50
N LEU B 102 16.63 -15.54 -19.68
CA LEU B 102 15.74 -16.68 -19.71
C LEU B 102 16.42 -17.97 -19.23
N GLN B 103 17.63 -18.25 -19.75
CA GLN B 103 18.23 -19.58 -19.60
C GLN B 103 19.07 -19.69 -18.35
N TYR B 104 19.58 -18.56 -17.85
CA TYR B 104 20.40 -18.54 -16.64
C TYR B 104 19.72 -17.74 -15.53
N SER B 105 18.62 -17.06 -15.83
CA SER B 105 17.94 -16.28 -14.81
C SER B 105 18.80 -15.13 -14.29
N ASP B 106 19.61 -14.54 -15.19
CA ASP B 106 20.50 -13.45 -14.83
C ASP B 106 19.70 -12.16 -14.58
N ASN B 107 19.80 -11.60 -13.38
CA ASN B 107 19.06 -10.40 -13.00
C ASN B 107 19.57 -9.11 -13.63
N THR B 108 20.87 -8.98 -13.85
CA THR B 108 21.37 -7.83 -14.57
C THR B 108 20.81 -7.83 -16.01
N ALA B 109 20.78 -9.01 -16.62
CA ALA B 109 20.24 -9.12 -17.97
C ALA B 109 18.78 -8.71 -18.00
N MET B 110 18.00 -9.18 -17.03
CA MET B 110 16.60 -8.74 -16.95
C MET B 110 16.49 -7.21 -16.82
N ASN B 111 17.30 -6.58 -15.99
CA ASN B 111 17.25 -5.12 -15.88
C ASN B 111 17.54 -4.44 -17.20
N LYS B 112 18.47 -4.98 -18.00
CA LYS B 112 18.68 -4.40 -19.33
C LYS B 112 17.47 -4.56 -20.25
N LEU B 113 16.77 -5.68 -20.18
CA LEU B 113 15.51 -5.83 -20.94
C LEU B 113 14.48 -4.78 -20.51
N ILE B 114 14.30 -4.67 -19.19
CA ILE B 114 13.36 -3.70 -18.64
C ILE B 114 13.71 -2.29 -19.14
N ALA B 115 14.98 -1.93 -19.08
CA ALA B 115 15.40 -0.59 -19.51
C ALA B 115 15.15 -0.40 -21.00
N GLN B 116 15.42 -1.40 -21.81
CA GLN B 116 15.13 -1.29 -23.25
C GLN B 116 13.67 -0.96 -23.50
N LEU B 117 12.79 -1.51 -22.66
CA LEU B 117 11.34 -1.33 -22.78
C LEU B 117 10.85 -0.04 -22.13
N GLY B 118 11.76 0.75 -21.56
CA GLY B 118 11.39 2.02 -20.94
C GLY B 118 11.02 1.95 -19.47
N GLY B 119 11.29 0.82 -18.84
CA GLY B 119 11.00 0.61 -17.44
C GLY B 119 9.94 -0.48 -17.27
N PRO B 120 9.63 -0.84 -16.02
CA PRO B 120 8.67 -1.89 -15.79
C PRO B 120 7.34 -1.67 -16.51
N GLY B 121 6.85 -0.43 -16.57
CA GLY B 121 5.62 -0.19 -17.26
C GLY B 121 5.65 -0.56 -18.73
N GLY B 122 6.81 -0.53 -19.38
CA GLY B 122 6.89 -0.98 -20.76
C GLY B 122 6.64 -2.48 -20.91
N VAL B 123 6.97 -3.23 -19.88
CA VAL B 123 6.70 -4.67 -19.88
C VAL B 123 5.19 -4.89 -19.71
N THR B 124 4.57 -4.18 -18.77
CA THR B 124 3.12 -4.20 -18.60
C THR B 124 2.40 -3.80 -19.88
N ALA B 125 2.89 -2.76 -20.55
CA ALA B 125 2.25 -2.31 -21.77
C ALA B 125 2.25 -3.40 -22.82
N PHE B 126 3.35 -4.14 -22.95
CA PHE B 126 3.38 -5.25 -23.87
C PHE B 126 2.34 -6.33 -23.50
N ALA B 127 2.25 -6.66 -22.22
CA ALA B 127 1.21 -7.60 -21.73
C ALA B 127 -0.16 -7.13 -22.20
N ARG B 128 -0.48 -5.86 -21.97
CA ARG B 128 -1.76 -5.34 -22.43
C ARG B 128 -1.95 -5.47 -23.93
N ALA B 129 -0.88 -5.22 -24.69
CA ALA B 129 -0.96 -5.28 -26.14
C ALA B 129 -1.24 -6.69 -26.65
N ILE B 130 -0.92 -7.72 -25.88
CA ILE B 130 -1.21 -9.10 -26.28
C ILE B 130 -2.42 -9.69 -25.57
N GLY B 131 -3.17 -8.83 -24.90
CA GLY B 131 -4.46 -9.20 -24.33
C GLY B 131 -4.46 -9.68 -22.89
N ASP B 132 -3.34 -9.49 -22.19
CA ASP B 132 -3.24 -9.85 -20.77
C ASP B 132 -3.48 -8.61 -19.97
N GLU B 133 -4.66 -8.58 -19.36
N GLU B 133 -4.66 -8.59 -19.35
CA GLU B 133 -5.16 -7.45 -18.58
CA GLU B 133 -5.13 -7.45 -18.57
C GLU B 133 -4.72 -7.52 -17.07
C GLU B 133 -4.85 -7.61 -17.09
N THR B 134 -4.06 -8.63 -16.72
CA THR B 134 -3.82 -9.01 -15.32
C THR B 134 -2.38 -8.79 -14.90
N PHE B 135 -1.44 -9.24 -15.73
CA PHE B 135 0.00 -9.07 -15.47
C PHE B 135 0.32 -7.62 -15.08
N ARG B 136 1.18 -7.45 -14.09
CA ARG B 136 1.81 -6.14 -13.89
C ARG B 136 3.26 -6.33 -13.45
N LEU B 137 4.13 -5.55 -14.06
CA LEU B 137 5.50 -5.40 -13.57
C LEU B 137 5.67 -3.97 -13.08
N ASP B 138 6.17 -3.84 -11.86
CA ASP B 138 6.25 -2.58 -11.16
C ASP B 138 7.66 -2.18 -10.81
N ARG B 139 8.53 -3.18 -10.59
CA ARG B 139 9.88 -2.93 -10.09
C ARG B 139 10.91 -3.63 -10.96
N THR B 140 12.15 -3.22 -10.76
CA THR B 140 13.29 -3.86 -11.37
C THR B 140 13.83 -4.98 -10.46
N GLU B 141 14.87 -5.66 -10.92
CA GLU B 141 15.61 -6.58 -10.07
C GLU B 141 16.54 -5.81 -9.15
N PRO B 142 16.69 -6.25 -7.88
CA PRO B 142 16.14 -7.46 -7.27
C PRO B 142 14.80 -7.27 -6.54
N THR B 143 14.31 -6.04 -6.43
CA THR B 143 13.21 -5.81 -5.51
C THR B 143 11.86 -6.35 -6.02
N LEU B 144 11.76 -6.74 -7.29
CA LEU B 144 10.50 -7.31 -7.74
C LEU B 144 10.23 -8.68 -7.13
N ASN B 145 11.18 -9.24 -6.38
CA ASN B 145 11.06 -10.55 -5.73
C ASN B 145 10.69 -10.52 -4.23
N THR B 146 10.27 -9.37 -3.71
CA THR B 146 9.98 -9.28 -2.26
C THR B 146 8.80 -10.17 -1.85
N ALA B 147 7.83 -10.38 -2.75
CA ALA B 147 6.78 -11.39 -2.57
C ALA B 147 5.95 -11.19 -1.28
N ILE B 148 5.68 -9.94 -0.94
CA ILE B 148 4.96 -9.66 0.28
C ILE B 148 3.49 -10.03 0.16
N PRO B 149 2.95 -10.79 1.11
CA PRO B 149 1.55 -11.19 0.99
C PRO B 149 0.61 -9.99 0.88
N GLY B 150 -0.30 -10.04 -0.09
CA GLY B 150 -1.28 -8.98 -0.33
C GLY B 150 -0.78 -7.85 -1.21
N ASP B 151 0.51 -7.81 -1.51
CA ASP B 151 1.06 -6.73 -2.34
C ASP B 151 0.79 -7.07 -3.81
N PRO B 152 0.12 -6.18 -4.56
CA PRO B 152 -0.17 -6.52 -5.95
C PRO B 152 1.00 -6.32 -6.88
N ARG B 153 2.08 -5.66 -6.41
CA ARG B 153 3.16 -5.35 -7.33
C ARG B 153 3.81 -6.62 -7.88
N ASP B 154 4.11 -6.61 -9.17
CA ASP B 154 4.90 -7.70 -9.76
C ASP B 154 4.18 -9.04 -9.56
N THR B 155 2.87 -9.03 -9.77
CA THR B 155 2.05 -10.23 -9.66
C THR B 155 1.28 -10.50 -10.94
N THR B 156 0.81 -11.74 -11.06
CA THR B 156 -0.23 -12.09 -12.01
C THR B 156 -1.03 -13.24 -11.42
N THR B 157 -2.01 -13.74 -12.16
CA THR B 157 -2.75 -14.95 -11.72
C THR B 157 -2.28 -16.15 -12.58
N PRO B 158 -2.41 -17.36 -12.04
CA PRO B 158 -2.04 -18.53 -12.86
C PRO B 158 -2.84 -18.59 -14.15
N ARG B 159 -4.15 -18.30 -14.09
CA ARG B 159 -4.96 -18.38 -15.29
C ARG B 159 -4.43 -17.41 -16.35
N ALA B 160 -4.14 -16.16 -15.96
CA ALA B 160 -3.68 -15.19 -16.93
C ALA B 160 -2.34 -15.60 -17.50
N MET B 161 -1.43 -16.07 -16.65
N MET B 161 -1.43 -16.07 -16.65
CA MET B 161 -0.10 -16.40 -17.12
CA MET B 161 -0.10 -16.39 -17.15
C MET B 161 -0.11 -17.60 -18.03
C MET B 161 -0.12 -17.60 -18.06
N ALA B 162 -0.96 -18.58 -17.77
CA ALA B 162 -1.03 -19.75 -18.64
C ALA B 162 -1.55 -19.30 -20.01
N GLN B 163 -2.60 -18.49 -20.02
CA GLN B 163 -3.14 -18.01 -21.28
C GLN B 163 -2.11 -17.21 -22.07
N THR B 164 -1.41 -16.31 -21.40
CA THR B 164 -0.34 -15.55 -22.06
C THR B 164 0.76 -16.45 -22.60
N LEU B 165 1.22 -17.41 -21.77
CA LEU B 165 2.29 -18.27 -22.23
C LEU B 165 1.81 -19.08 -23.44
N ARG B 166 0.56 -19.53 -23.43
CA ARG B 166 0.03 -20.18 -24.64
C ARG B 166 0.14 -19.26 -25.86
N GLN B 167 -0.36 -18.03 -25.75
N GLN B 167 -0.36 -18.04 -25.71
CA GLN B 167 -0.34 -17.15 -26.91
CA GLN B 167 -0.35 -17.04 -26.78
C GLN B 167 1.09 -16.88 -27.40
C GLN B 167 1.05 -16.83 -27.35
N LEU B 168 2.02 -16.73 -26.44
CA LEU B 168 3.40 -16.44 -26.79
C LEU B 168 4.12 -17.60 -27.49
N THR B 169 3.87 -18.83 -27.03
CA THR B 169 4.67 -19.97 -27.45
C THR B 169 3.98 -20.87 -28.47
N LEU B 170 2.64 -20.85 -28.49
CA LEU B 170 1.87 -21.72 -29.38
C LEU B 170 0.91 -20.92 -30.26
N GLY B 171 0.59 -19.68 -29.91
CA GLY B 171 -0.33 -18.85 -30.68
C GLY B 171 0.43 -17.79 -31.44
N HIS B 172 -0.21 -16.63 -31.59
CA HIS B 172 0.24 -15.62 -32.56
C HIS B 172 0.44 -14.26 -31.91
N ALA B 173 0.77 -14.25 -30.62
CA ALA B 173 1.15 -12.99 -29.99
C ALA B 173 2.43 -12.43 -30.58
N LEU B 174 3.32 -13.32 -31.01
CA LEU B 174 4.59 -12.95 -31.64
C LEU B 174 4.55 -13.39 -33.09
N GLY B 175 5.42 -12.80 -33.90
CA GLY B 175 5.65 -13.29 -35.24
C GLY B 175 6.29 -14.68 -35.22
N GLU B 176 6.16 -15.40 -36.33
CA GLU B 176 6.61 -16.78 -36.39
C GLU B 176 8.05 -16.99 -35.94
N THR B 177 8.97 -16.21 -36.47
CA THR B 177 10.39 -16.38 -36.09
C THR B 177 10.61 -16.09 -34.63
N GLN B 178 9.90 -15.11 -34.12
CA GLN B 178 10.06 -14.65 -32.75
C GLN B 178 9.47 -15.70 -31.77
N ARG B 179 8.31 -16.26 -32.08
CA ARG B 179 7.74 -17.34 -31.33
C ARG B 179 8.73 -18.51 -31.26
N ALA B 180 9.29 -18.88 -32.41
CA ALA B 180 10.23 -19.98 -32.46
C ALA B 180 11.45 -19.68 -31.60
N GLN B 181 11.93 -18.42 -31.63
CA GLN B 181 13.09 -18.03 -30.82
C GLN B 181 12.77 -18.16 -29.33
N LEU B 182 11.59 -17.70 -28.91
CA LEU B 182 11.23 -17.80 -27.51
C LEU B 182 11.19 -19.27 -27.11
N VAL B 183 10.55 -20.13 -27.93
CA VAL B 183 10.49 -21.55 -27.60
C VAL B 183 11.88 -22.18 -27.52
N THR B 184 12.75 -21.85 -28.48
CA THR B 184 14.14 -22.33 -28.40
C THR B 184 14.79 -21.93 -27.10
N TRP B 185 14.60 -20.69 -26.69
CA TRP B 185 15.20 -20.22 -25.46
C TRP B 185 14.65 -20.97 -24.25
N LEU B 186 13.33 -21.13 -24.17
CA LEU B 186 12.74 -21.83 -23.04
C LEU B 186 13.20 -23.30 -22.99
N LYS B 187 13.30 -23.95 -24.16
CA LYS B 187 13.72 -25.36 -24.17
C LYS B 187 15.17 -25.54 -23.73
N GLY B 188 15.98 -24.50 -23.87
CA GLY B 188 17.39 -24.52 -23.43
C GLY B 188 17.59 -23.99 -22.03
N ASN B 189 16.52 -23.79 -21.28
CA ASN B 189 16.65 -23.34 -19.88
C ASN B 189 17.61 -24.28 -19.12
N THR B 190 18.44 -23.71 -18.26
CA THR B 190 19.32 -24.50 -17.41
C THR B 190 18.75 -24.75 -16.02
N THR B 191 17.72 -24.02 -15.58
CA THR B 191 17.38 -24.00 -14.15
C THR B 191 16.18 -24.88 -13.77
N GLY B 192 15.59 -25.62 -14.71
CA GLY B 192 14.24 -26.16 -14.54
C GLY B 192 14.09 -27.61 -14.11
N ALA B 193 15.18 -28.40 -14.01
CA ALA B 193 15.01 -29.86 -13.93
C ALA B 193 14.33 -30.29 -12.62
N ALA B 194 14.41 -29.46 -11.57
CA ALA B 194 13.85 -29.83 -10.27
C ALA B 194 12.40 -29.39 -10.08
N SER B 195 11.85 -28.63 -11.05
CA SER B 195 10.54 -27.94 -10.83
C SER B 195 9.48 -28.73 -11.62
N ILE B 196 8.67 -28.07 -12.47
CA ILE B 196 7.63 -28.81 -13.20
C ILE B 196 8.21 -30.07 -13.87
N ARG B 197 9.35 -29.95 -14.51
N ARG B 197 9.36 -29.91 -14.53
CA ARG B 197 9.86 -31.07 -15.29
CA ARG B 197 9.98 -30.98 -15.30
C ARG B 197 10.11 -32.33 -14.46
C ARG B 197 10.17 -32.28 -14.48
N ALA B 198 10.42 -32.15 -13.19
CA ALA B 198 10.71 -33.29 -12.36
C ALA B 198 9.46 -34.13 -12.15
N GLY B 199 8.27 -33.57 -12.37
CA GLY B 199 7.04 -34.31 -12.23
C GLY B 199 6.47 -34.90 -13.51
N LEU B 200 7.22 -34.82 -14.61
CA LEU B 200 6.72 -35.25 -15.93
C LEU B 200 7.43 -36.54 -16.32
N PRO B 201 6.77 -37.40 -17.10
CA PRO B 201 7.45 -38.54 -17.71
C PRO B 201 8.66 -38.06 -18.49
N THR B 202 9.74 -38.81 -18.43
CA THR B 202 10.98 -38.39 -19.03
C THR B 202 10.93 -38.33 -20.56
N SER B 203 10.00 -39.06 -21.15
CA SER B 203 9.91 -39.03 -22.60
C SER B 203 9.40 -37.68 -23.13
N TRP B 204 8.73 -36.90 -22.28
CA TRP B 204 8.14 -35.66 -22.72
C TRP B 204 9.24 -34.60 -22.93
N THR B 205 8.92 -33.61 -23.76
N THR B 205 9.01 -33.64 -23.80
CA THR B 205 9.80 -32.46 -24.03
CA THR B 205 9.94 -32.51 -23.82
C THR B 205 9.15 -31.20 -23.41
C THR B 205 9.19 -31.28 -23.28
N ALA B 206 9.96 -30.26 -22.91
CA ALA B 206 9.39 -29.05 -22.33
C ALA B 206 10.39 -27.90 -22.43
N GLY B 207 9.84 -26.70 -22.33
CA GLY B 207 10.64 -25.53 -22.02
C GLY B 207 10.01 -24.82 -20.83
N ASP B 208 10.81 -24.15 -20.03
CA ASP B 208 10.24 -23.56 -18.82
C ASP B 208 11.04 -22.35 -18.36
N LYS B 209 10.42 -21.55 -17.48
CA LYS B 209 11.11 -20.48 -16.78
C LYS B 209 10.75 -20.54 -15.33
N THR B 210 11.76 -20.68 -14.47
CA THR B 210 11.61 -20.72 -13.02
C THR B 210 11.58 -19.32 -12.42
N GLY B 211 11.17 -19.24 -11.16
CA GLY B 211 11.41 -18.02 -10.34
C GLY B 211 11.38 -18.39 -8.88
N SER B 212 12.00 -17.51 -8.09
CA SER B 212 11.95 -17.67 -6.64
C SER B 212 12.17 -16.31 -5.98
N GLY B 213 11.77 -16.22 -4.73
CA GLY B 213 11.88 -14.94 -4.05
C GLY B 213 11.66 -15.12 -2.57
N ASP B 214 11.43 -14.03 -1.82
CA ASP B 214 11.19 -14.18 -0.40
C ASP B 214 9.85 -14.88 -0.18
N TYR B 215 9.52 -15.13 1.08
CA TYR B 215 8.37 -15.94 1.45
C TYR B 215 8.47 -17.35 0.83
N GLY B 216 9.70 -17.82 0.60
CA GLY B 216 9.87 -19.13 0.03
C GLY B 216 9.15 -19.29 -1.30
N THR B 217 9.00 -18.19 -2.02
CA THR B 217 8.23 -18.21 -3.26
C THR B 217 9.01 -19.05 -4.28
N THR B 218 8.32 -20.00 -4.90
CA THR B 218 8.95 -20.95 -5.78
C THR B 218 7.98 -21.17 -6.93
N ASN B 219 8.41 -20.81 -8.14
CA ASN B 219 7.52 -20.73 -9.29
C ASN B 219 8.13 -21.42 -10.49
N ASP B 220 7.27 -21.81 -11.43
CA ASP B 220 7.71 -22.28 -12.73
C ASP B 220 6.56 -22.17 -13.71
N ILE B 221 6.88 -21.82 -14.96
CA ILE B 221 5.89 -21.81 -16.04
C ILE B 221 6.48 -22.56 -17.21
N ALA B 222 5.68 -23.40 -17.85
CA ALA B 222 6.24 -24.33 -18.83
C ALA B 222 5.30 -24.52 -19.98
N VAL B 223 5.90 -24.79 -21.15
N VAL B 223 5.89 -24.79 -21.14
CA VAL B 223 5.20 -25.33 -22.30
CA VAL B 223 5.16 -25.40 -22.24
C VAL B 223 5.76 -26.74 -22.55
C VAL B 223 5.74 -26.77 -22.45
N ILE B 224 4.84 -27.71 -22.66
CA ILE B 224 5.16 -29.14 -22.53
C ILE B 224 4.63 -29.90 -23.74
N TRP B 225 5.45 -30.76 -24.34
CA TRP B 225 5.01 -31.60 -25.43
C TRP B 225 5.02 -33.05 -24.93
N PRO B 226 3.88 -33.56 -24.48
CA PRO B 226 3.82 -34.96 -24.04
C PRO B 226 3.97 -35.91 -25.21
N GLN B 227 4.46 -37.07 -24.93
CA GLN B 227 4.70 -38.00 -26.01
C GLN B 227 3.40 -38.36 -26.73
N GLY B 228 3.36 -38.10 -28.02
CA GLY B 228 2.23 -38.48 -28.84
C GLY B 228 0.99 -37.58 -28.77
N ARG B 229 1.03 -36.48 -28.01
CA ARG B 229 -0.16 -35.69 -27.69
C ARG B 229 0.12 -34.22 -28.02
N ALA B 230 -0.94 -33.43 -28.11
CA ALA B 230 -0.82 -31.98 -28.26
C ALA B 230 -0.19 -31.33 -27.02
N PRO B 231 0.40 -30.14 -27.18
CA PRO B 231 1.11 -29.55 -26.04
C PRO B 231 0.22 -29.09 -24.89
N LEU B 232 0.84 -28.99 -23.71
CA LEU B 232 0.23 -28.40 -22.52
C LEU B 232 0.94 -27.08 -22.23
N VAL B 233 0.21 -26.18 -21.57
CA VAL B 233 0.83 -25.06 -20.91
C VAL B 233 0.49 -25.15 -19.43
N LEU B 234 1.50 -25.02 -18.56
CA LEU B 234 1.31 -25.25 -17.15
C LEU B 234 2.04 -24.18 -16.34
N VAL B 235 1.29 -23.53 -15.45
CA VAL B 235 1.85 -22.59 -14.50
C VAL B 235 1.66 -23.15 -13.09
N THR B 236 2.75 -23.16 -12.31
CA THR B 236 2.71 -23.57 -10.91
C THR B 236 3.42 -22.49 -10.11
N TYR B 237 2.63 -21.81 -9.29
CA TYR B 237 3.14 -20.79 -8.39
C TYR B 237 2.97 -21.23 -6.94
N PHE B 238 3.93 -20.89 -6.09
CA PHE B 238 3.88 -21.34 -4.72
C PHE B 238 4.52 -20.30 -3.84
N THR B 239 3.86 -19.99 -2.73
CA THR B 239 4.43 -19.07 -1.77
C THR B 239 4.01 -19.45 -0.34
N GLN B 240 4.75 -18.94 0.64
CA GLN B 240 4.68 -19.54 1.99
C GLN B 240 4.54 -18.45 3.04
N PRO B 241 4.17 -18.83 4.28
CA PRO B 241 3.84 -17.78 5.27
C PRO B 241 5.03 -17.01 5.84
N GLN B 242 6.19 -17.65 5.92
CA GLN B 242 7.31 -17.02 6.57
C GLN B 242 8.20 -16.33 5.56
N GLN B 243 8.60 -15.10 5.87
CA GLN B 243 9.49 -14.38 4.97
C GLN B 243 10.76 -15.15 4.58
N ASN B 244 11.32 -15.89 5.53
CA ASN B 244 12.58 -16.58 5.32
C ASN B 244 12.41 -18.04 4.94
N ALA B 245 11.22 -18.41 4.46
CA ALA B 245 10.99 -19.83 4.15
C ALA B 245 11.95 -20.31 3.06
N GLU B 246 12.25 -21.61 3.06
CA GLU B 246 13.12 -22.22 2.05
C GLU B 246 12.36 -22.48 0.77
N SER B 247 13.11 -22.65 -0.30
N SER B 247 13.06 -22.52 -0.34
CA SER B 247 12.57 -23.03 -1.59
CA SER B 247 12.42 -22.89 -1.60
C SER B 247 11.91 -24.40 -1.55
C SER B 247 11.88 -24.31 -1.54
N ARG B 248 10.82 -24.55 -2.32
CA ARG B 248 10.12 -25.85 -2.36
C ARG B 248 9.83 -26.27 -3.81
N ARG B 249 10.89 -26.50 -4.59
CA ARG B 249 10.66 -26.91 -5.96
C ARG B 249 9.92 -28.23 -6.06
N ASP B 250 10.10 -29.07 -5.03
CA ASP B 250 9.42 -30.37 -4.98
C ASP B 250 7.90 -30.21 -5.03
N VAL B 251 7.39 -29.12 -4.46
CA VAL B 251 5.96 -28.91 -4.51
C VAL B 251 5.51 -28.67 -5.95
N LEU B 252 6.32 -27.94 -6.73
CA LEU B 252 5.98 -27.73 -8.13
C LEU B 252 6.03 -29.04 -8.95
N ALA B 253 7.07 -29.84 -8.67
CA ALA B 253 7.17 -31.16 -9.27
C ALA B 253 5.94 -32.00 -8.92
N SER B 254 5.54 -31.99 -7.65
CA SER B 254 4.40 -32.77 -7.19
C SER B 254 3.10 -32.31 -7.88
N ALA B 255 2.93 -30.99 -8.04
CA ALA B 255 1.75 -30.46 -8.74
C ALA B 255 1.75 -30.90 -10.20
N ALA B 256 2.92 -30.86 -10.85
CA ALA B 256 3.01 -31.30 -12.25
C ALA B 256 2.72 -32.78 -12.38
N ARG B 257 3.19 -33.59 -11.42
CA ARG B 257 2.97 -35.02 -11.46
C ARG B 257 1.46 -35.33 -11.34
N ILE B 258 0.77 -34.62 -10.46
CA ILE B 258 -0.68 -34.76 -10.36
C ILE B 258 -1.37 -34.45 -11.69
N ILE B 259 -0.98 -33.36 -12.32
CA ILE B 259 -1.52 -32.97 -13.62
C ILE B 259 -1.26 -34.03 -14.69
N ALA B 260 -0.04 -34.56 -14.73
CA ALA B 260 0.36 -35.51 -15.77
C ALA B 260 -0.34 -36.84 -15.59
N GLU B 261 -0.66 -37.20 -14.35
CA GLU B 261 -1.28 -38.46 -14.07
C GLU B 261 -2.78 -38.31 -14.25
N GLY B 262 -3.26 -37.07 -14.22
CA GLY B 262 -4.68 -36.81 -14.48
C GLY B 262 -5.00 -36.61 -15.97
N LEU B 263 -3.98 -36.75 -16.82
CA LEU B 263 -4.16 -36.80 -18.28
C LEU B 263 -4.70 -38.16 -18.75
O14 0JB C . -2.07 29.19 19.47
C13 0JB C . -1.55 29.13 18.34
C15 0JB C . -0.08 29.27 18.19
C20 0JB C . 0.53 29.34 16.94
N21 0JB C . 0.05 29.38 15.65
C22 0JB C . 1.12 29.46 14.84
N23 0JB C . 2.26 29.56 15.55
C19 0JB C . 1.94 29.46 16.87
C18 0JB C . 2.72 29.47 18.03
C17 0JB C . 2.06 29.38 19.26
C16 0JB C . 0.70 29.27 19.33
N12 0JB C . -2.24 28.90 17.22
C8 0JB C . -3.63 28.67 17.14
C7 0JB C . -4.11 27.87 16.10
C9 0JB C . -4.54 29.24 18.05
C10 0JB C . -5.88 28.93 17.92
C11 0JB C . -6.39 28.12 16.93
C6 0JB C . -5.46 27.58 16.02
C2 0JB C . -5.94 26.72 14.93
N3 0JB C . -7.08 26.06 14.94
N4 0JB C . -7.20 25.40 13.76
N5 0JB C . -6.09 25.63 13.02
N1 0JB C . -5.30 26.51 13.77
O14 0JB D . 16.71 -11.89 -6.87
C13 0JB D . 16.28 -12.77 -6.11
C15 0JB D . 15.77 -12.41 -4.76
C20 0JB D . 15.39 -13.36 -3.81
N21 0JB D . 15.49 -14.71 -3.78
C22 0JB D . 15.07 -15.14 -2.57
N23 0JB D . 14.70 -14.08 -1.84
C19 0JB D . 14.92 -12.95 -2.58
C18 0JB D . 14.75 -11.60 -2.26
C17 0JB D . 15.08 -10.66 -3.22
C16 0JB D . 15.59 -11.05 -4.48
N12 0JB D . 16.28 -14.09 -6.44
C8 0JB D . 16.64 -14.64 -7.68
C7 0JB D . 15.96 -15.77 -8.09
C9 0JB D . 17.60 -14.04 -8.50
C10 0JB D . 17.89 -14.58 -9.75
C11 0JB D . 17.23 -15.73 -10.14
C6 0JB D . 16.28 -16.34 -9.31
C2 0JB D . 15.57 -17.56 -9.74
N3 0JB D . 14.96 -18.45 -8.94
N4 0JB D . 14.43 -19.45 -9.75
N5 0JB D . 14.75 -19.12 -11.04
N1 0JB D . 15.43 -17.93 -11.03
S DMS E . -9.40 -16.71 2.96
O DMS E . -9.56 -15.84 1.43
C1 DMS E . -11.05 -17.24 3.45
C2 DMS E . -8.63 -18.33 2.65
#